data_5MCT
#
_entry.id   5MCT
#
_cell.length_a   137.486
_cell.length_b   49.460
_cell.length_c   68.503
_cell.angle_alpha   90.000
_cell.angle_beta   93.630
_cell.angle_gamma   90.000
#
_symmetry.space_group_name_H-M   'C 1 2 1'
#
loop_
_entity.id
_entity.type
_entity.pdbx_description
1 polymer 'Cellular tumor antigen p53'
2 polymer DNA
3 non-polymer 'ZINC ION'
4 non-polymer 1,2-ETHANEDIOL
5 non-polymer 'FORMYL GROUP'
6 water water
#
loop_
_entity_poly.entity_id
_entity_poly.type
_entity_poly.pdbx_seq_one_letter_code
_entity_poly.pdbx_strand_id
1 'polypeptide(L)'
;SSSVPSQKTYQGSYGFRLGFLHSGTAKSVTCTYSPALNKMFCQLAKTCPVQLWVDSTPPPGTRVRAMAIYKQSQHMTEVV
RRCPHHERCSDSDGLAPPQHLIRVEGNLRVEYLDDRNTFRHSVVVPYEPPEVGSDCTTIHYNYMCNSSCMGGMNRRPILT
IITLEDSSGNLLGRNSFEVRVCACPGRDRRTEEENLRKKG
;
A,B
2 'polydeoxyribonucleotide'
;(DT)(DG)(DG)(DG)(DC)(IGU)(DT)(DG)(DC)(DC)(DC)(DG)(DG)(DG)(DC)(IGU)(DT)(DG)(DC)
(DC)(DC)
;
C
#
loop_
_chem_comp.id
_chem_comp.type
_chem_comp.name
_chem_comp.formula
DC DNA linking 2'-DEOXYCYTIDINE-5'-MONOPHOSPHATE 'C9 H14 N3 O7 P'
DG DNA linking 2'-DEOXYGUANOSINE-5'-MONOPHOSPHATE 'C10 H14 N5 O7 P'
DT DNA linking THYMIDINE-5'-MONOPHOSPHATE 'C10 H15 N2 O8 P'
EDO non-polymer 1,2-ETHANEDIOL 'C2 H6 O2'
FOR non-polymer 'FORMYL GROUP' 'C H2 O'
IGU DNA linking 2'-DEOXYISOGUANINE-5'-MONOPHOSPHATE 'C10 H14 N5 O7 P'
ZN non-polymer 'ZINC ION' 'Zn 2'
#
# COMPACT_ATOMS: atom_id res chain seq x y z
N SER A 1 25.85 7.80 -27.75
CA SER A 1 27.24 7.57 -27.41
C SER A 1 27.52 8.00 -25.97
N SER A 2 26.69 8.89 -25.46
CA SER A 2 26.81 9.28 -24.05
C SER A 2 26.44 8.10 -23.15
N SER A 3 27.15 7.99 -22.02
CA SER A 3 26.83 6.99 -21.01
C SER A 3 25.94 7.55 -19.91
N VAL A 4 25.48 8.79 -20.05
CA VAL A 4 24.58 9.42 -19.09
C VAL A 4 23.17 9.43 -19.70
N PRO A 5 22.19 8.77 -19.10
CA PRO A 5 20.82 8.88 -19.60
C PRO A 5 20.31 10.31 -19.53
N SER A 6 19.47 10.66 -20.49
CA SER A 6 18.87 12.00 -20.51
C SER A 6 17.87 12.15 -19.37
N GLN A 7 17.82 13.36 -18.81
CA GLN A 7 16.83 13.71 -17.79
C GLN A 7 15.76 14.61 -18.35
N LYS A 8 15.79 14.91 -19.64
CA LYS A 8 14.89 15.91 -20.19
C LYS A 8 13.45 15.42 -20.12
N THR A 9 12.57 16.25 -19.54
CA THR A 9 11.17 15.88 -19.48
C THR A 9 10.61 15.71 -20.89
N TYR A 10 9.84 14.64 -21.07
CA TYR A 10 9.18 14.34 -22.35
C TYR A 10 7.80 13.79 -21.98
N GLN A 11 6.81 14.68 -21.87
CA GLN A 11 5.50 14.18 -21.51
C GLN A 11 4.89 13.38 -22.64
N GLY A 12 5.28 13.66 -23.89
CA GLY A 12 5.00 12.77 -25.00
C GLY A 12 3.54 12.75 -25.40
N SER A 13 3.25 11.86 -26.35
CA SER A 13 1.93 11.80 -26.97
C SER A 13 0.88 11.17 -26.06
N TYR A 14 1.29 10.52 -24.97
CA TYR A 14 0.36 9.93 -24.02
C TYR A 14 0.08 10.84 -22.85
N GLY A 15 0.71 12.02 -22.79
CA GLY A 15 0.47 12.95 -21.70
C GLY A 15 0.94 12.43 -20.36
N PHE A 16 2.16 11.92 -20.30
CA PHE A 16 2.69 11.24 -19.12
C PHE A 16 3.22 12.26 -18.11
N ARG A 17 2.71 12.21 -16.89
CA ARG A 17 3.28 12.99 -15.80
C ARG A 17 3.20 12.19 -14.51
N LEU A 18 3.97 12.65 -13.53
CA LEU A 18 4.01 12.02 -12.22
C LEU A 18 3.14 12.79 -11.25
N GLY A 19 2.72 12.09 -10.20
CA GLY A 19 2.01 12.73 -9.10
C GLY A 19 2.53 12.17 -7.79
N PHE A 20 2.42 12.99 -6.75
CA PHE A 20 2.91 12.65 -5.43
C PHE A 20 1.85 12.95 -4.39
N LEU A 21 1.89 12.18 -3.30
CA LEU A 21 0.94 12.35 -2.23
C LEU A 21 1.30 13.56 -1.38
N HIS A 22 0.29 14.09 -0.70
CA HIS A 22 0.48 15.20 0.21
C HIS A 22 0.69 14.62 1.59
N SER A 23 1.89 14.81 2.14
CA SER A 23 2.25 14.20 3.41
C SER A 23 2.48 15.21 4.51
N GLY A 24 2.88 16.43 4.18
CA GLY A 24 3.23 17.43 5.17
C GLY A 24 4.73 17.55 5.37
N THR A 25 5.10 18.25 6.44
CA THR A 25 6.52 18.46 6.75
C THR A 25 6.85 18.21 8.22
N ALA A 26 6.12 17.30 8.87
CA ALA A 26 6.49 16.86 10.21
C ALA A 26 7.92 16.32 10.19
N LYS A 27 8.66 16.51 11.30
CA LYS A 27 10.12 16.47 11.25
C LYS A 27 10.63 15.19 10.58
N SER A 28 10.14 14.03 11.01
CA SER A 28 10.64 12.75 10.53
C SER A 28 9.58 11.98 9.74
N VAL A 29 8.74 12.69 8.99
CA VAL A 29 7.81 12.02 8.10
C VAL A 29 8.59 11.08 7.17
N THR A 30 8.00 9.93 6.84
CA THR A 30 8.74 8.92 6.08
C THR A 30 9.02 9.36 4.66
N CYS A 31 8.13 10.16 4.08
CA CYS A 31 8.30 10.58 2.69
CA CYS A 31 8.35 10.64 2.71
C CYS A 31 7.46 11.85 2.48
N THR A 32 8.02 12.84 1.81
CA THR A 32 7.31 14.08 1.52
C THR A 32 7.88 14.66 0.24
N TYR A 33 7.05 15.38 -0.50
CA TYR A 33 7.42 15.90 -1.80
C TYR A 33 7.26 17.41 -1.84
N SER A 34 8.29 18.10 -2.35
CA SER A 34 8.29 19.54 -2.52
C SER A 34 8.00 19.89 -3.97
N PRO A 35 6.82 20.41 -4.31
CA PRO A 35 6.62 20.86 -5.69
C PRO A 35 7.57 21.98 -6.11
N ALA A 36 7.88 22.90 -5.21
CA ALA A 36 8.74 24.03 -5.58
C ALA A 36 10.10 23.56 -6.03
N LEU A 37 10.63 22.53 -5.39
CA LEU A 37 11.94 21.99 -5.70
C LEU A 37 11.88 20.79 -6.63
N ASN A 38 10.69 20.29 -6.97
CA ASN A 38 10.53 19.03 -7.68
C ASN A 38 11.41 17.96 -7.03
N LYS A 39 11.26 17.81 -5.72
CA LYS A 39 12.19 17.01 -4.93
C LYS A 39 11.47 16.20 -3.88
N MET A 40 11.76 14.91 -3.88
CA MET A 40 11.26 13.99 -2.86
CA MET A 40 11.26 13.98 -2.87
C MET A 40 12.28 13.89 -1.73
N PHE A 41 11.77 13.92 -0.50
CA PHE A 41 12.56 13.74 0.71
C PHE A 41 11.99 12.50 1.42
N CYS A 42 12.83 11.52 1.70
CA CYS A 42 12.33 10.29 2.27
C CYS A 42 13.39 9.64 3.16
N GLN A 43 12.95 8.69 3.97
CA GLN A 43 13.85 7.93 4.83
C GLN A 43 14.31 6.65 4.16
N LEU A 44 15.46 6.16 4.60
CA LEU A 44 16.07 4.96 4.04
C LEU A 44 15.09 3.79 4.11
N ALA A 45 14.87 3.16 2.96
CA ALA A 45 14.09 1.93 2.79
C ALA A 45 12.59 2.15 2.95
N LYS A 46 12.12 3.35 3.24
CA LYS A 46 10.70 3.56 3.43
C LYS A 46 9.99 3.67 2.08
N THR A 47 8.69 3.41 2.12
CA THR A 47 7.86 3.45 0.93
C THR A 47 7.75 4.87 0.39
N CYS A 48 7.97 5.01 -0.91
CA CYS A 48 7.80 6.29 -1.61
CA CYS A 48 7.81 6.29 -1.61
C CYS A 48 6.79 6.08 -2.73
N PRO A 49 5.53 6.43 -2.52
CA PRO A 49 4.53 6.24 -3.57
C PRO A 49 4.68 7.28 -4.68
N VAL A 50 4.73 6.80 -5.91
CA VAL A 50 4.81 7.66 -7.09
C VAL A 50 3.65 7.28 -7.99
N GLN A 51 2.85 8.29 -8.37
CA GLN A 51 1.72 8.09 -9.24
C GLN A 51 2.12 8.34 -10.68
N LEU A 52 1.61 7.48 -11.57
CA LEU A 52 1.76 7.63 -13.02
C LEU A 52 0.42 8.08 -13.58
N TRP A 53 0.42 9.24 -14.23
CA TRP A 53 -0.77 9.80 -14.87
C TRP A 53 -0.54 9.85 -16.37
N VAL A 54 -1.53 9.41 -17.13
CA VAL A 54 -1.50 9.55 -18.59
C VAL A 54 -2.85 10.08 -19.07
N ASP A 55 -2.81 10.78 -20.20
CA ASP A 55 -4.03 11.22 -20.87
C ASP A 55 -4.56 10.17 -21.85
N SER A 56 -3.68 9.40 -22.48
CA SER A 56 -4.06 8.37 -23.42
C SER A 56 -3.45 7.04 -22.97
N THR A 57 -4.17 5.95 -23.22
CA THR A 57 -3.77 4.65 -22.70
C THR A 57 -2.56 4.14 -23.46
N PRO A 58 -1.46 3.81 -22.79
CA PRO A 58 -0.30 3.24 -23.48
C PRO A 58 -0.63 1.87 -24.07
N PRO A 59 0.13 1.42 -25.05
CA PRO A 59 -0.15 0.14 -25.68
C PRO A 59 0.17 -1.01 -24.74
N PRO A 60 -0.40 -2.20 -25.00
CA PRO A 60 -0.04 -3.37 -24.18
C PRO A 60 1.45 -3.64 -24.25
N GLY A 61 1.99 -4.12 -23.13
CA GLY A 61 3.41 -4.41 -23.04
C GLY A 61 4.25 -3.23 -22.63
N THR A 62 3.65 -2.09 -22.34
CA THR A 62 4.42 -0.93 -21.89
C THR A 62 5.05 -1.20 -20.52
N ARG A 63 6.23 -0.65 -20.32
CA ARG A 63 7.03 -0.85 -19.12
C ARG A 63 7.37 0.49 -18.49
N VAL A 64 7.61 0.47 -17.17
CA VAL A 64 7.95 1.64 -16.41
C VAL A 64 9.32 1.39 -15.79
N ARG A 65 10.31 2.20 -16.17
CA ARG A 65 11.68 2.05 -15.67
C ARG A 65 12.02 3.21 -14.77
N ALA A 66 12.71 2.92 -13.68
CA ALA A 66 13.28 3.94 -12.81
C ALA A 66 14.79 3.75 -12.70
N MET A 67 15.52 4.86 -12.73
N MET A 67 15.50 4.88 -12.77
CA MET A 67 16.94 4.81 -12.49
CA MET A 67 16.96 4.92 -12.68
C MET A 67 17.41 6.15 -11.97
C MET A 67 17.36 6.17 -11.92
N ALA A 68 18.51 6.10 -11.25
CA ALA A 68 19.08 7.26 -10.57
C ALA A 68 20.33 7.72 -11.29
N ILE A 69 20.51 9.04 -11.36
CA ILE A 69 21.75 9.65 -11.81
C ILE A 69 22.08 10.77 -10.84
N TYR A 70 23.37 11.10 -10.74
CA TYR A 70 23.74 12.27 -9.97
C TYR A 70 23.30 13.53 -10.71
N LYS A 71 22.82 14.51 -9.94
CA LYS A 71 22.26 15.72 -10.54
C LYS A 71 23.35 16.67 -11.04
N GLN A 72 24.43 16.82 -10.31
CA GLN A 72 25.43 17.82 -10.65
C GLN A 72 26.30 17.36 -11.81
N SER A 73 26.62 18.30 -12.71
CA SER A 73 27.47 17.98 -13.86
C SER A 73 28.75 17.27 -13.44
N GLN A 74 29.35 17.71 -12.33
CA GLN A 74 30.59 17.12 -11.84
C GLN A 74 30.49 15.63 -11.53
N HIS A 75 29.30 15.13 -11.23
CA HIS A 75 29.14 13.74 -10.82
C HIS A 75 28.27 12.91 -11.76
N MET A 76 27.69 13.52 -12.79
N MET A 76 27.73 13.51 -12.83
CA MET A 76 26.76 12.81 -13.67
CA MET A 76 26.77 12.83 -13.69
C MET A 76 27.32 11.50 -14.21
C MET A 76 27.31 11.54 -14.27
N THR A 77 28.59 11.49 -14.59
CA THR A 77 29.14 10.31 -15.24
C THR A 77 29.44 9.16 -14.28
N GLU A 78 29.29 9.37 -12.98
CA GLU A 78 29.49 8.29 -12.01
C GLU A 78 28.21 7.52 -11.77
N VAL A 79 28.29 6.19 -11.84
CA VAL A 79 27.12 5.33 -11.63
C VAL A 79 26.65 5.47 -10.19
N VAL A 80 25.34 5.63 -10.00
CA VAL A 80 24.77 5.67 -8.65
C VAL A 80 24.62 4.24 -8.14
N ARG A 81 25.24 3.96 -7.00
CA ARG A 81 25.25 2.63 -6.40
C ARG A 81 25.04 2.74 -4.90
N ARG A 82 24.57 1.65 -4.29
CA ARG A 82 24.59 1.59 -2.83
C ARG A 82 26.02 1.60 -2.30
N CYS A 83 26.16 2.14 -1.10
CA CYS A 83 27.46 2.18 -0.45
C CYS A 83 27.88 0.77 -0.01
N PRO A 84 29.17 0.56 0.21
CA PRO A 84 29.64 -0.79 0.60
C PRO A 84 29.03 -1.31 1.89
N HIS A 85 28.77 -0.45 2.87
CA HIS A 85 28.18 -0.92 4.11
C HIS A 85 26.79 -1.51 3.85
N HIS A 86 25.92 -0.76 3.17
CA HIS A 86 24.57 -1.22 2.94
C HIS A 86 24.53 -2.37 1.94
N GLU A 87 25.46 -2.40 0.99
CA GLU A 87 25.53 -3.51 0.06
C GLU A 87 25.73 -4.85 0.77
N ARG A 88 26.46 -4.86 1.88
N ARG A 88 26.41 -4.86 1.90
CA ARG A 88 26.87 -6.08 2.55
CA ARG A 88 26.66 -6.10 2.64
C ARG A 88 26.02 -6.41 3.78
C ARG A 88 25.65 -6.36 3.76
N CYS A 89 24.88 -5.74 3.96
N CYS A 89 24.66 -5.49 3.94
CA CYS A 89 24.08 -5.92 5.17
CA CYS A 89 23.73 -5.62 5.06
C CYS A 89 22.97 -6.96 5.03
C CYS A 89 22.76 -6.79 4.93
N SER A 90 22.85 -7.60 3.88
CA SER A 90 21.96 -8.76 3.72
C SER A 90 20.49 -8.39 3.90
N ASP A 91 20.11 -7.20 3.45
CA ASP A 91 18.74 -6.72 3.57
C ASP A 91 17.93 -6.91 2.30
N SER A 92 18.33 -7.83 1.43
CA SER A 92 17.62 -8.01 0.19
C SER A 92 16.25 -8.63 0.43
N ASP A 93 15.31 -8.33 -0.47
CA ASP A 93 14.00 -8.95 -0.48
C ASP A 93 13.97 -10.24 -1.30
N GLY A 94 15.14 -10.76 -1.68
CA GLY A 94 15.23 -11.95 -2.48
C GLY A 94 15.25 -11.72 -3.98
N LEU A 95 14.95 -10.51 -4.44
CA LEU A 95 14.97 -10.18 -5.85
C LEU A 95 15.93 -9.06 -6.20
N ALA A 96 15.95 -8.00 -5.41
CA ALA A 96 16.79 -6.86 -5.72
C ALA A 96 18.26 -7.23 -5.49
N PRO A 97 19.14 -7.00 -6.45
CA PRO A 97 20.57 -7.18 -6.19
C PRO A 97 21.01 -6.24 -5.09
N PRO A 98 21.97 -6.67 -4.25
CA PRO A 98 22.32 -5.86 -3.08
C PRO A 98 22.91 -4.50 -3.41
N GLN A 99 23.41 -4.29 -4.62
CA GLN A 99 24.04 -3.01 -4.97
C GLN A 99 23.04 -1.97 -5.49
N HIS A 100 21.80 -2.37 -5.78
CA HIS A 100 20.84 -1.46 -6.39
C HIS A 100 20.26 -0.50 -5.36
N LEU A 101 20.30 0.80 -5.68
CA LEU A 101 19.74 1.80 -4.78
C LEU A 101 18.22 1.75 -4.77
N ILE A 102 17.59 1.70 -5.94
CA ILE A 102 16.13 1.81 -6.06
C ILE A 102 15.51 0.42 -6.17
N ARG A 103 14.55 0.14 -5.30
CA ARG A 103 13.76 -1.07 -5.37
C ARG A 103 12.29 -0.72 -5.57
N VAL A 104 11.53 -1.70 -6.04
CA VAL A 104 10.07 -1.63 -6.07
C VAL A 104 9.53 -2.70 -5.15
N GLU A 105 8.59 -2.32 -4.30
CA GLU A 105 7.92 -3.29 -3.43
CA GLU A 105 7.92 -3.28 -3.42
C GLU A 105 6.50 -3.52 -3.93
N GLY A 106 5.98 -4.70 -3.62
CA GLY A 106 4.59 -5.02 -3.91
C GLY A 106 4.27 -5.30 -5.35
N ASN A 107 5.25 -5.77 -6.15
CA ASN A 107 5.01 -6.06 -7.55
C ASN A 107 5.63 -7.39 -7.92
N LEU A 108 4.78 -8.29 -8.41
CA LEU A 108 5.15 -9.66 -8.77
C LEU A 108 5.93 -9.75 -10.08
N ARG A 109 6.16 -8.65 -10.80
CA ARG A 109 6.80 -8.72 -12.10
C ARG A 109 7.96 -7.73 -12.20
N VAL A 110 8.59 -7.43 -11.07
CA VAL A 110 9.71 -6.50 -11.05
C VAL A 110 10.93 -7.15 -11.70
N GLU A 111 11.69 -6.36 -12.45
N GLU A 111 11.68 -6.37 -12.45
CA GLU A 111 12.93 -6.82 -13.06
CA GLU A 111 12.94 -6.81 -13.03
C GLU A 111 14.03 -5.80 -12.76
C GLU A 111 14.01 -5.79 -12.67
N TYR A 112 15.18 -6.29 -12.29
CA TYR A 112 16.33 -5.45 -11.97
C TYR A 112 17.36 -5.64 -13.08
N LEU A 113 17.86 -4.54 -13.63
CA LEU A 113 18.74 -4.57 -14.79
C LEU A 113 20.04 -3.84 -14.51
N ASP A 114 21.12 -4.36 -15.08
CA ASP A 114 22.42 -3.71 -15.12
C ASP A 114 22.79 -3.53 -16.58
N ASP A 115 23.00 -2.29 -17.00
CA ASP A 115 23.30 -2.02 -18.40
C ASP A 115 24.70 -2.54 -18.74
N ARG A 116 24.80 -3.31 -19.83
CA ARG A 116 26.09 -3.93 -20.11
C ARG A 116 27.14 -2.93 -20.57
N ASN A 117 26.75 -1.76 -21.05
CA ASN A 117 27.72 -0.76 -21.52
C ASN A 117 27.97 0.36 -20.52
N THR A 118 26.93 0.86 -19.84
CA THR A 118 27.10 1.94 -18.88
C THR A 118 27.21 1.46 -17.45
N PHE A 119 26.86 0.20 -17.19
CA PHE A 119 26.89 -0.40 -15.87
C PHE A 119 25.83 0.17 -14.94
N ARG A 120 24.93 1.00 -15.45
CA ARG A 120 23.94 1.64 -14.59
C ARG A 120 22.80 0.68 -14.25
N HIS A 121 22.25 0.87 -13.07
CA HIS A 121 21.19 0.03 -12.56
C HIS A 121 19.83 0.63 -12.89
N SER A 122 18.85 -0.23 -13.12
CA SER A 122 17.48 0.25 -13.21
C SER A 122 16.54 -0.85 -12.74
N VAL A 123 15.32 -0.44 -12.43
CA VAL A 123 14.27 -1.35 -11.98
C VAL A 123 13.02 -1.07 -12.80
N VAL A 124 12.41 -2.13 -13.32
CA VAL A 124 11.33 -2.04 -14.28
C VAL A 124 10.14 -2.84 -13.79
N VAL A 125 8.94 -2.29 -13.98
CA VAL A 125 7.71 -3.04 -13.78
C VAL A 125 6.81 -2.83 -14.99
N PRO A 126 5.87 -3.74 -15.24
CA PRO A 126 4.89 -3.50 -16.30
C PRO A 126 4.00 -2.32 -15.95
N TYR A 127 3.64 -1.56 -16.98
CA TYR A 127 2.63 -0.53 -16.81
C TYR A 127 1.27 -1.18 -16.75
N GLU A 128 0.48 -0.82 -15.75
CA GLU A 128 -0.89 -1.26 -15.64
CA GLU A 128 -0.89 -1.26 -15.64
C GLU A 128 -1.82 -0.05 -15.63
N PRO A 129 -2.91 -0.08 -16.38
CA PRO A 129 -3.81 1.06 -16.42
C PRO A 129 -4.53 1.21 -15.08
N PRO A 130 -5.02 2.40 -14.76
CA PRO A 130 -5.77 2.56 -13.51
C PRO A 130 -7.04 1.73 -13.52
N GLU A 131 -7.50 1.35 -12.33
CA GLU A 131 -8.81 0.73 -12.21
CA GLU A 131 -8.80 0.74 -12.20
C GLU A 131 -9.87 1.73 -12.66
N VAL A 132 -11.02 1.19 -13.09
CA VAL A 132 -12.11 2.06 -13.53
C VAL A 132 -12.46 3.03 -12.41
N GLY A 133 -12.60 4.30 -12.77
CA GLY A 133 -12.89 5.34 -11.80
C GLY A 133 -11.67 5.99 -11.19
N SER A 134 -10.50 5.38 -11.31
CA SER A 134 -9.25 5.95 -10.81
C SER A 134 -8.52 6.65 -11.95
N ASP A 135 -7.76 7.69 -11.59
CA ASP A 135 -7.08 8.51 -12.59
C ASP A 135 -5.61 8.17 -12.74
N CYS A 136 -5.05 7.30 -11.91
CA CYS A 136 -3.62 7.06 -11.98
C CYS A 136 -3.31 5.68 -11.42
N THR A 137 -2.09 5.23 -11.72
N THR A 137 -2.07 5.24 -11.67
CA THR A 137 -1.51 4.04 -11.12
CA THR A 137 -1.54 4.02 -11.08
C THR A 137 -0.44 4.50 -10.14
C THR A 137 -0.29 4.34 -10.27
N THR A 138 -0.19 3.70 -9.11
CA THR A 138 0.80 4.03 -8.11
C THR A 138 1.84 2.92 -8.00
N ILE A 139 3.11 3.30 -8.00
CA ILE A 139 4.23 2.40 -7.75
C ILE A 139 4.86 2.77 -6.42
N HIS A 140 5.22 1.77 -5.64
CA HIS A 140 5.93 2.00 -4.37
C HIS A 140 7.42 1.74 -4.59
N TYR A 141 8.20 2.81 -4.55
CA TYR A 141 9.65 2.71 -4.62
C TYR A 141 10.26 2.78 -3.23
N ASN A 142 11.46 2.21 -3.10
CA ASN A 142 12.26 2.30 -1.89
C ASN A 142 13.68 2.67 -2.28
N TYR A 143 14.28 3.58 -1.53
CA TYR A 143 15.67 3.99 -1.71
C TYR A 143 16.50 3.40 -0.57
N MET A 144 17.54 2.66 -0.91
CA MET A 144 18.18 1.77 0.04
C MET A 144 19.48 2.31 0.63
N CYS A 145 19.80 3.59 0.41
CA CYS A 145 20.88 4.29 1.07
C CYS A 145 20.44 5.72 1.37
N ASN A 146 21.02 6.33 2.40
CA ASN A 146 20.87 7.76 2.61
C ASN A 146 21.72 8.51 1.61
N SER A 147 21.28 9.72 1.26
CA SER A 147 22.09 10.58 0.40
C SER A 147 23.48 10.78 0.98
N SER A 148 23.60 10.79 2.31
CA SER A 148 24.86 11.06 2.97
C SER A 148 25.81 9.87 3.05
N CYS A 149 25.41 8.68 2.60
CA CYS A 149 26.20 7.47 2.84
C CYS A 149 27.61 7.61 2.31
N MET A 150 28.59 7.42 3.19
CA MET A 150 29.98 7.43 2.78
CA MET A 150 29.97 7.46 2.75
C MET A 150 30.27 6.26 1.85
N GLY A 151 30.97 6.53 0.75
CA GLY A 151 31.27 5.50 -0.22
C GLY A 151 30.14 5.22 -1.17
N GLY A 152 28.99 5.88 -1.00
CA GLY A 152 27.91 5.81 -1.94
C GLY A 152 27.58 7.20 -2.43
N MET A 153 26.35 7.66 -2.20
CA MET A 153 25.97 8.98 -2.72
C MET A 153 26.78 10.10 -2.08
N ASN A 154 27.27 9.89 -0.85
CA ASN A 154 28.26 10.78 -0.25
CA ASN A 154 28.26 10.78 -0.26
C ASN A 154 27.82 12.24 -0.26
N ARG A 155 26.56 12.48 0.08
CA ARG A 155 25.96 13.81 0.23
CA ARG A 155 25.93 13.79 0.23
C ARG A 155 25.58 14.46 -1.09
N ARG A 156 25.74 13.78 -2.22
CA ARG A 156 25.46 14.35 -3.53
C ARG A 156 24.00 14.13 -3.91
N PRO A 157 23.31 15.16 -4.42
CA PRO A 157 21.92 14.96 -4.87
C PRO A 157 21.83 14.07 -6.11
N ILE A 158 20.74 13.32 -6.17
CA ILE A 158 20.45 12.47 -7.32
C ILE A 158 19.11 12.91 -7.91
N LEU A 159 18.93 12.51 -9.16
CA LEU A 159 17.63 12.54 -9.84
C LEU A 159 17.19 11.11 -10.05
N THR A 160 15.90 10.86 -9.83
CA THR A 160 15.28 9.64 -10.32
C THR A 160 14.60 9.97 -11.64
N ILE A 161 14.89 9.17 -12.65
CA ILE A 161 14.32 9.32 -13.98
C ILE A 161 13.34 8.17 -14.18
N ILE A 162 12.08 8.50 -14.42
CA ILE A 162 11.03 7.51 -14.68
C ILE A 162 10.70 7.59 -16.16
N THR A 163 10.84 6.46 -16.85
CA THR A 163 10.51 6.41 -18.27
C THR A 163 9.40 5.42 -18.53
N LEU A 164 8.50 5.80 -19.41
CA LEU A 164 7.47 4.93 -19.94
CA LEU A 164 7.48 4.92 -19.95
C LEU A 164 7.98 4.45 -21.30
N GLU A 165 8.12 3.14 -21.46
CA GLU A 165 8.72 2.58 -22.67
C GLU A 165 7.79 1.51 -23.25
N ASP A 166 7.64 1.50 -24.57
CA ASP A 166 6.88 0.40 -25.14
C ASP A 166 7.75 -0.87 -25.15
N SER A 167 7.12 -1.99 -25.47
CA SER A 167 7.86 -3.25 -25.44
C SER A 167 9.01 -3.26 -26.43
N SER A 168 8.90 -2.49 -27.53
CA SER A 168 9.97 -2.44 -28.52
C SER A 168 11.16 -1.62 -28.06
N GLY A 169 11.01 -0.81 -27.01
CA GLY A 169 12.07 0.05 -26.53
C GLY A 169 11.88 1.52 -26.83
N ASN A 170 10.81 1.90 -27.54
CA ASN A 170 10.58 3.31 -27.81
C ASN A 170 10.29 4.04 -26.51
N LEU A 171 10.85 5.22 -26.37
CA LEU A 171 10.52 6.10 -25.27
C LEU A 171 9.16 6.73 -25.54
N LEU A 172 8.20 6.46 -24.65
CA LEU A 172 6.89 7.08 -24.77
C LEU A 172 6.77 8.33 -23.94
N GLY A 173 7.48 8.38 -22.81
CA GLY A 173 7.45 9.53 -21.94
C GLY A 173 8.56 9.44 -20.91
N ARG A 174 8.96 10.61 -20.40
CA ARG A 174 10.01 10.66 -19.39
CA ARG A 174 10.01 10.65 -19.39
C ARG A 174 9.74 11.80 -18.43
N ASN A 175 9.89 11.51 -17.14
CA ASN A 175 9.82 12.52 -16.09
C ASN A 175 10.91 12.22 -15.07
N SER A 176 11.25 13.23 -14.29
CA SER A 176 12.29 13.06 -13.29
C SER A 176 12.00 13.95 -12.10
N PHE A 177 12.61 13.59 -10.97
CA PHE A 177 12.52 14.38 -9.75
C PHE A 177 13.80 14.18 -8.94
N GLU A 178 14.17 15.19 -8.19
CA GLU A 178 15.32 15.10 -7.31
C GLU A 178 14.93 14.31 -6.06
N VAL A 179 15.93 13.67 -5.45
CA VAL A 179 15.70 12.87 -4.23
C VAL A 179 16.76 13.22 -3.21
N ARG A 180 16.33 13.39 -1.96
CA ARG A 180 17.19 13.33 -0.79
C ARG A 180 16.65 12.23 0.12
N VAL A 181 17.49 11.24 0.42
CA VAL A 181 17.18 10.23 1.41
C VAL A 181 17.89 10.64 2.69
N CYS A 182 17.14 10.83 3.77
CA CYS A 182 17.70 11.42 4.98
CA CYS A 182 17.75 11.36 4.99
C CYS A 182 16.91 10.95 6.20
N ALA A 183 17.44 11.26 7.38
CA ALA A 183 16.78 10.84 8.61
C ALA A 183 15.53 11.66 8.91
N CYS A 184 15.50 12.92 8.49
CA CYS A 184 14.45 13.86 8.89
C CYS A 184 13.92 14.59 7.66
N PRO A 185 13.12 13.91 6.84
CA PRO A 185 12.65 14.54 5.58
C PRO A 185 11.87 15.82 5.78
N GLY A 186 11.09 15.93 6.85
CA GLY A 186 10.32 17.14 7.07
C GLY A 186 11.20 18.32 7.41
N ARG A 187 12.16 18.11 8.32
CA ARG A 187 13.12 19.16 8.61
C ARG A 187 13.83 19.59 7.33
N ASP A 188 14.32 18.63 6.56
CA ASP A 188 15.21 18.96 5.48
C ASP A 188 14.46 19.59 4.31
N ARG A 189 13.22 19.16 4.06
CA ARG A 189 12.40 19.84 3.07
C ARG A 189 12.19 21.30 3.45
N ARG A 190 11.85 21.55 4.71
CA ARG A 190 11.61 22.92 5.15
C ARG A 190 12.88 23.76 5.05
N THR A 191 14.03 23.21 5.43
CA THR A 191 15.28 23.93 5.31
C THR A 191 15.57 24.29 3.86
N GLU A 192 15.43 23.32 2.96
CA GLU A 192 15.76 23.60 1.56
C GLU A 192 14.80 24.59 0.94
N GLU A 193 13.51 24.52 1.29
CA GLU A 193 12.56 25.48 0.74
C GLU A 193 12.83 26.87 1.29
N GLU A 194 13.21 26.97 2.57
CA GLU A 194 13.53 28.28 3.14
CA GLU A 194 13.52 28.29 3.12
C GLU A 194 14.78 28.86 2.49
N ASN A 195 15.79 28.04 2.25
CA ASN A 195 17.00 28.53 1.60
C ASN A 195 16.71 28.99 0.19
N LEU A 196 15.84 28.27 -0.53
CA LEU A 196 15.44 28.72 -1.86
C LEU A 196 14.84 30.11 -1.79
N ARG A 197 13.90 30.32 -0.86
CA ARG A 197 13.24 31.63 -0.76
CA ARG A 197 13.24 31.62 -0.77
C ARG A 197 14.23 32.72 -0.40
N LYS A 198 15.16 32.43 0.51
CA LYS A 198 16.04 33.45 1.05
C LYS A 198 17.30 33.69 0.21
N LYS A 199 17.80 32.65 -0.46
CA LYS A 199 19.10 32.75 -1.10
C LYS A 199 19.13 32.26 -2.54
N GLY A 200 18.02 31.75 -3.06
CA GLY A 200 18.02 31.14 -4.38
C GLY A 200 18.02 32.13 -5.53
N SER B 1 -0.48 -7.02 -11.61
CA SER B 1 0.92 -7.29 -11.28
C SER B 1 1.20 -6.85 -9.85
N SER B 2 0.37 -5.96 -9.32
CA SER B 2 0.50 -5.57 -7.93
C SER B 2 0.13 -6.74 -7.02
N SER B 3 0.83 -6.86 -5.90
CA SER B 3 0.51 -7.84 -4.90
C SER B 3 -0.38 -7.28 -3.79
N VAL B 4 -0.85 -6.04 -3.92
CA VAL B 4 -1.75 -5.43 -2.96
C VAL B 4 -3.15 -5.40 -3.57
N PRO B 5 -4.13 -6.06 -2.97
CA PRO B 5 -5.49 -5.95 -3.48
C PRO B 5 -6.00 -4.52 -3.40
N SER B 6 -6.85 -4.17 -4.36
CA SER B 6 -7.45 -2.84 -4.36
C SER B 6 -8.45 -2.69 -3.23
N GLN B 7 -8.50 -1.49 -2.67
CA GLN B 7 -9.48 -1.14 -1.66
C GLN B 7 -10.57 -0.23 -2.21
N LYS B 8 -10.54 0.06 -3.50
CA LYS B 8 -11.44 1.06 -4.06
C LYS B 8 -12.87 0.58 -3.99
N THR B 9 -13.75 1.40 -3.41
CA THR B 9 -15.15 1.04 -3.35
C THR B 9 -15.69 0.86 -4.76
N TYR B 10 -16.48 -0.20 -4.94
CA TYR B 10 -17.14 -0.49 -6.21
C TYR B 10 -18.51 -1.04 -5.85
N GLN B 11 -19.50 -0.16 -5.74
CA GLN B 11 -20.81 -0.65 -5.36
C GLN B 11 -21.44 -1.46 -6.50
N GLY B 12 -21.03 -1.19 -7.74
CA GLY B 12 -21.31 -2.07 -8.87
C GLY B 12 -22.78 -2.08 -9.27
N SER B 13 -23.07 -2.99 -10.22
CA SER B 13 -24.38 -3.05 -10.83
C SER B 13 -25.44 -3.66 -9.92
N TYR B 14 -25.04 -4.33 -8.84
CA TYR B 14 -25.96 -4.91 -7.88
C TYR B 14 -26.24 -4.00 -6.70
N GLY B 15 -25.62 -2.82 -6.64
CA GLY B 15 -25.86 -1.88 -5.57
C GLY B 15 -25.39 -2.40 -4.24
N PHE B 16 -24.16 -2.92 -4.20
CA PHE B 16 -23.64 -3.59 -3.00
C PHE B 16 -23.11 -2.58 -1.99
N ARG B 17 -23.61 -2.65 -0.76
CA ARG B 17 -23.02 -1.86 0.31
C ARG B 17 -23.10 -2.64 1.61
N LEU B 18 -22.34 -2.19 2.60
CA LEU B 18 -22.30 -2.83 3.90
C LEU B 18 -23.17 -2.06 4.88
N GLY B 19 -23.59 -2.77 5.91
CA GLY B 19 -24.30 -2.16 7.03
C GLY B 19 -23.77 -2.69 8.33
N PHE B 20 -23.90 -1.87 9.37
CA PHE B 20 -23.40 -2.21 10.69
C PHE B 20 -24.46 -1.91 11.73
N LEU B 21 -24.43 -2.68 12.82
CA LEU B 21 -25.38 -2.51 13.89
C LEU B 21 -25.02 -1.29 14.74
N HIS B 22 -26.03 -0.75 15.42
CA HIS B 22 -25.84 0.36 16.34
C HIS B 22 -25.63 -0.23 17.73
N SER B 23 -24.44 -0.04 18.28
CA SER B 23 -24.08 -0.64 19.55
C SER B 23 -23.85 0.37 20.66
N GLY B 24 -23.44 1.59 20.32
CA GLY B 24 -23.08 2.61 21.30
C GLY B 24 -21.58 2.70 21.51
N THR B 25 -21.21 3.40 22.58
CA THR B 25 -19.79 3.61 22.89
C THR B 25 -19.46 3.37 24.35
N ALA B 26 -20.20 2.48 25.01
CA ALA B 26 -19.83 2.03 26.36
C ALA B 26 -18.40 1.48 26.33
N LYS B 27 -17.67 1.66 27.44
CA LYS B 27 -16.21 1.62 27.37
C LYS B 27 -15.69 0.35 26.70
N SER B 28 -16.18 -0.81 27.13
CA SER B 28 -15.67 -2.09 26.66
C SER B 28 -16.73 -2.87 25.88
N VAL B 29 -17.58 -2.16 25.14
CA VAL B 29 -18.50 -2.83 24.23
C VAL B 29 -17.72 -3.76 23.32
N THR B 30 -18.32 -4.90 22.96
CA THR B 30 -17.57 -5.91 22.21
C THR B 30 -17.30 -5.48 20.79
N CYS B 31 -18.18 -4.68 20.20
CA CYS B 31 -18.03 -4.26 18.80
CA CYS B 31 -17.97 -4.22 18.83
C CYS B 31 -18.86 -3.00 18.60
N THR B 32 -18.29 -2.01 17.92
CA THR B 32 -19.00 -0.78 17.64
C THR B 32 -18.42 -0.19 16.37
N TYR B 33 -19.25 0.55 15.63
CA TYR B 33 -18.88 1.07 14.32
C TYR B 33 -19.04 2.58 14.29
N SER B 34 -18.02 3.26 13.78
CA SER B 34 -18.04 4.71 13.62
C SER B 34 -18.31 5.05 12.16
N PRO B 35 -19.48 5.57 11.81
CA PRO B 35 -19.69 6.02 10.43
C PRO B 35 -18.75 7.15 10.02
N ALA B 36 -18.43 8.07 10.93
CA ALA B 36 -17.59 9.20 10.55
C ALA B 36 -16.22 8.73 10.09
N LEU B 37 -15.69 7.69 10.74
CA LEU B 37 -14.37 7.15 10.43
C LEU B 37 -14.43 5.95 9.50
N ASN B 38 -15.62 5.46 9.16
CA ASN B 38 -15.79 4.18 8.46
C ASN B 38 -14.91 3.11 9.10
N LYS B 39 -15.06 2.98 10.42
CA LYS B 39 -14.11 2.18 11.19
C LYS B 39 -14.83 1.35 12.25
N MET B 40 -14.54 0.05 12.27
N MET B 40 -14.55 0.05 12.24
CA MET B 40 -15.08 -0.86 13.27
CA MET B 40 -15.01 -0.87 13.26
C MET B 40 -14.07 -1.03 14.39
C MET B 40 -14.03 -0.90 14.41
N PHE B 41 -14.56 -0.91 15.63
CA PHE B 41 -13.76 -1.11 16.85
C PHE B 41 -14.33 -2.33 17.55
N CYS B 42 -13.48 -3.31 17.82
CA CYS B 42 -13.98 -4.56 18.39
C CYS B 42 -12.92 -5.20 19.29
N GLN B 43 -13.36 -6.16 20.09
CA GLN B 43 -12.45 -6.90 20.95
C GLN B 43 -12.00 -8.20 20.29
N LEU B 44 -10.84 -8.69 20.75
CA LEU B 44 -10.25 -9.89 20.18
C LEU B 44 -11.23 -11.05 20.25
N ALA B 45 -11.45 -11.68 19.10
CA ALA B 45 -12.23 -12.90 18.91
C ALA B 45 -13.73 -12.71 19.09
N LYS B 46 -14.20 -11.50 19.39
CA LYS B 46 -15.63 -11.28 19.57
C LYS B 46 -16.34 -11.18 18.22
N THR B 47 -17.64 -11.44 18.26
CA THR B 47 -18.45 -11.39 17.06
C THR B 47 -18.58 -9.98 16.52
N CYS B 48 -18.34 -9.83 15.23
CA CYS B 48 -18.50 -8.55 14.52
CA CYS B 48 -18.50 -8.56 14.53
C CYS B 48 -19.52 -8.76 13.42
N PRO B 49 -20.78 -8.38 13.62
CA PRO B 49 -21.79 -8.59 12.56
C PRO B 49 -21.64 -7.56 11.46
N VAL B 50 -21.59 -8.04 10.23
CA VAL B 50 -21.51 -7.20 9.04
C VAL B 50 -22.68 -7.56 8.13
N GLN B 51 -23.47 -6.56 7.77
CA GLN B 51 -24.61 -6.77 6.89
C GLN B 51 -24.20 -6.53 5.44
N LEU B 52 -24.71 -7.38 4.56
CA LEU B 52 -24.55 -7.22 3.12
C LEU B 52 -25.89 -6.77 2.54
N TRP B 53 -25.89 -5.60 1.90
CA TRP B 53 -27.08 -5.04 1.26
C TRP B 53 -26.86 -4.99 -0.24
N VAL B 54 -27.85 -5.44 -1.01
CA VAL B 54 -27.82 -5.30 -2.46
C VAL B 54 -29.16 -4.76 -2.94
N ASP B 55 -29.12 -4.06 -4.07
CA ASP B 55 -30.34 -3.62 -4.74
C ASP B 55 -30.88 -4.67 -5.70
N SER B 56 -29.99 -5.44 -6.35
CA SER B 56 -30.38 -6.48 -7.29
C SER B 56 -29.77 -7.80 -6.84
N THR B 57 -30.49 -8.88 -7.08
CA THR B 57 -30.08 -10.19 -6.58
C THR B 57 -28.87 -10.70 -7.34
N PRO B 58 -27.77 -11.03 -6.65
CA PRO B 58 -26.62 -11.62 -7.34
C PRO B 58 -26.94 -12.98 -7.93
N PRO B 59 -26.18 -13.43 -8.92
CA PRO B 59 -26.47 -14.71 -9.55
C PRO B 59 -26.15 -15.87 -8.61
N PRO B 60 -26.71 -17.04 -8.86
CA PRO B 60 -26.36 -18.22 -8.05
C PRO B 60 -24.87 -18.49 -8.12
N GLY B 61 -24.32 -18.98 -7.00
CA GLY B 61 -22.90 -19.26 -6.92
C GLY B 61 -22.06 -18.08 -6.50
N THR B 62 -22.66 -16.94 -6.21
CA THR B 62 -21.92 -15.78 -5.75
C THR B 62 -21.28 -16.06 -4.39
N ARG B 63 -20.09 -15.48 -4.20
CA ARG B 63 -19.30 -15.70 -3.00
C ARG B 63 -18.97 -14.36 -2.36
N VAL B 64 -18.70 -14.40 -1.06
CA VAL B 64 -18.36 -13.21 -0.28
C VAL B 64 -16.99 -13.46 0.34
N ARG B 65 -15.99 -12.66 -0.04
CA ARG B 65 -14.63 -12.79 0.46
C ARG B 65 -14.29 -11.62 1.36
N ALA B 66 -13.61 -11.92 2.47
CA ALA B 66 -13.05 -10.90 3.35
C ALA B 66 -11.55 -11.08 3.43
N MET B 67 -10.82 -9.97 3.38
N MET B 67 -10.82 -9.97 3.42
CA MET B 67 -9.37 -9.95 3.47
CA MET B 67 -9.39 -10.05 3.64
C MET B 67 -8.97 -8.70 4.23
C MET B 67 -8.88 -8.71 4.13
N ALA B 68 -7.80 -8.75 4.89
CA ALA B 68 -7.25 -7.59 5.57
C ALA B 68 -5.99 -7.13 4.85
N ILE B 69 -5.81 -5.81 4.78
CA ILE B 69 -4.57 -5.19 4.33
C ILE B 69 -4.23 -4.07 5.30
N TYR B 70 -2.95 -3.74 5.40
CA TYR B 70 -2.57 -2.55 6.16
C TYR B 70 -3.00 -1.31 5.41
N LYS B 71 -3.50 -0.33 6.16
CA LYS B 71 -4.06 0.89 5.57
C LYS B 71 -2.98 1.84 5.07
N GLN B 72 -1.89 1.99 5.83
CA GLN B 72 -0.88 2.98 5.49
C GLN B 72 -0.01 2.50 4.32
N SER B 73 0.30 3.44 3.42
CA SER B 73 1.15 3.13 2.27
C SER B 73 2.43 2.42 2.69
N GLN B 74 3.04 2.85 3.79
CA GLN B 74 4.28 2.27 4.28
C GLN B 74 4.17 0.79 4.60
N HIS B 75 2.98 0.28 4.90
CA HIS B 75 2.79 -1.10 5.32
C HIS B 75 1.93 -1.93 4.38
N MET B 76 1.39 -1.33 3.31
CA MET B 76 0.45 -2.02 2.45
CA MET B 76 0.44 -2.03 2.45
C MET B 76 1.01 -3.33 1.89
N THR B 77 2.28 -3.35 1.55
CA THR B 77 2.81 -4.53 0.89
C THR B 77 3.12 -5.68 1.84
N GLU B 78 2.97 -5.49 3.15
CA GLU B 78 3.18 -6.55 4.13
C GLU B 78 1.89 -7.35 4.37
N VAL B 79 1.98 -8.67 4.28
CA VAL B 79 0.81 -9.52 4.52
C VAL B 79 0.35 -9.38 5.96
N VAL B 80 -0.96 -9.21 6.15
CA VAL B 80 -1.56 -9.17 7.49
C VAL B 80 -1.70 -10.59 8.00
N ARG B 81 -1.09 -10.88 9.15
CA ARG B 81 -1.05 -12.21 9.72
C ARG B 81 -1.28 -12.11 11.22
N ARG B 82 -1.74 -13.20 11.83
CA ARG B 82 -1.73 -13.26 13.29
C ARG B 82 -0.30 -13.24 13.82
N CYS B 83 -0.16 -12.72 15.03
CA CYS B 83 1.14 -12.68 15.67
C CYS B 83 1.56 -14.08 16.12
N PRO B 84 2.86 -14.28 16.37
CA PRO B 84 3.33 -15.64 16.73
C PRO B 84 2.72 -16.17 18.01
N HIS B 85 2.46 -15.30 18.99
CA HIS B 85 1.86 -15.77 20.23
C HIS B 85 0.48 -16.36 19.99
N HIS B 86 -0.40 -15.61 19.30
CA HIS B 86 -1.74 -16.10 19.08
C HIS B 86 -1.79 -17.23 18.07
N GLU B 87 -0.86 -17.26 17.11
CA GLU B 87 -0.79 -18.37 16.18
C GLU B 87 -0.59 -19.70 16.89
N ARG B 88 0.13 -19.69 18.01
N ARG B 88 0.10 -19.69 18.04
CA ARG B 88 0.54 -20.91 18.70
CA ARG B 88 0.34 -20.92 18.79
C ARG B 88 -0.32 -21.24 19.91
C ARG B 88 -0.67 -21.18 19.90
N CYS B 89 -1.44 -20.54 20.12
N CYS B 89 -1.66 -20.30 20.08
CA CYS B 89 -2.24 -20.73 21.33
CA CYS B 89 -2.59 -20.44 21.20
C CYS B 89 -3.33 -21.78 21.18
C CYS B 89 -3.56 -21.61 21.07
N SER B 90 -3.45 -22.43 20.03
CA SER B 90 -4.34 -23.58 19.86
C SER B 90 -5.82 -23.21 20.01
N ASP B 91 -6.21 -22.02 19.58
CA ASP B 91 -7.59 -21.55 19.71
C ASP B 91 -8.39 -21.74 18.43
N SER B 92 -7.99 -22.67 17.57
CA SER B 92 -8.69 -22.86 16.31
C SER B 92 -10.05 -23.49 16.55
N ASP B 93 -10.99 -23.17 15.65
CA ASP B 93 -12.31 -23.78 15.65
C ASP B 93 -12.35 -25.07 14.84
N GLY B 94 -11.19 -25.60 14.46
CA GLY B 94 -11.11 -26.80 13.66
C GLY B 94 -11.07 -26.57 12.16
N LEU B 95 -11.35 -25.36 11.70
CA LEU B 95 -11.35 -25.03 10.27
C LEU B 95 -10.40 -23.90 9.92
N ALA B 96 -10.37 -22.85 10.72
CA ALA B 96 -9.52 -21.70 10.41
C ALA B 96 -8.06 -22.07 10.64
N PRO B 97 -7.17 -21.84 9.68
CA PRO B 97 -5.76 -22.03 9.94
C PRO B 97 -5.31 -21.08 11.05
N PRO B 98 -4.36 -21.51 11.87
CA PRO B 98 -3.99 -20.70 13.05
C PRO B 98 -3.41 -19.34 12.72
N GLN B 99 -2.90 -19.14 11.50
CA GLN B 99 -2.28 -17.86 11.14
C GLN B 99 -3.28 -16.81 10.63
N HIS B 100 -4.51 -17.21 10.35
CA HIS B 100 -5.48 -16.30 9.75
C HIS B 100 -6.06 -15.35 10.79
N LEU B 101 -6.01 -14.05 10.48
CA LEU B 101 -6.59 -13.04 11.35
C LEU B 101 -8.11 -13.09 11.37
N ILE B 102 -8.74 -13.16 10.19
CA ILE B 102 -10.20 -13.04 10.08
C ILE B 102 -10.80 -14.43 9.98
N ARG B 103 -11.78 -14.70 10.84
CA ARG B 103 -12.58 -15.91 10.78
C ARG B 103 -14.04 -15.55 10.56
N VAL B 104 -14.80 -16.55 10.11
CA VAL B 104 -16.25 -16.46 10.07
C VAL B 104 -16.80 -17.55 10.99
N GLU B 105 -17.72 -17.17 11.87
CA GLU B 105 -18.40 -18.13 12.73
CA GLU B 105 -18.40 -18.12 12.74
C GLU B 105 -19.82 -18.36 12.22
N GLY B 106 -20.33 -19.56 12.51
CA GLY B 106 -21.72 -19.87 12.21
C GLY B 106 -22.03 -20.13 10.76
N ASN B 107 -21.06 -20.61 9.98
CA ASN B 107 -21.31 -20.90 8.57
C ASN B 107 -20.70 -22.24 8.22
N LEU B 108 -21.54 -23.14 7.72
CA LEU B 108 -21.17 -24.51 7.36
C LEU B 108 -20.39 -24.60 6.06
N ARG B 109 -20.16 -23.49 5.34
CA ARG B 109 -19.52 -23.55 4.04
C ARG B 109 -18.35 -22.57 3.94
N VAL B 110 -17.73 -22.27 5.08
CA VAL B 110 -16.61 -21.34 5.09
C VAL B 110 -15.40 -22.00 4.43
N GLU B 111 -14.63 -21.20 3.69
CA GLU B 111 -13.38 -21.66 3.09
CA GLU B 111 -13.38 -21.66 3.09
C GLU B 111 -12.29 -20.64 3.42
N TYR B 112 -11.14 -21.15 3.85
CA TYR B 112 -9.98 -20.31 4.16
C TYR B 112 -8.95 -20.50 3.04
N LEU B 113 -8.46 -19.39 2.52
CA LEU B 113 -7.59 -19.42 1.35
C LEU B 113 -6.28 -18.69 1.61
N ASP B 114 -5.19 -19.22 1.03
CA ASP B 114 -3.89 -18.56 1.01
C ASP B 114 -3.52 -18.38 -0.45
N ASP B 115 -3.34 -17.13 -0.86
CA ASP B 115 -3.03 -16.85 -2.26
C ASP B 115 -1.63 -17.38 -2.60
N ARG B 116 -1.53 -18.14 -3.68
CA ARG B 116 -0.25 -18.77 -3.97
C ARG B 116 0.82 -17.77 -4.43
N ASN B 117 0.44 -16.59 -4.92
CA ASN B 117 1.40 -15.60 -5.39
C ASN B 117 1.66 -14.49 -4.40
N THR B 118 0.62 -14.00 -3.70
CA THR B 118 0.79 -12.91 -2.75
C THR B 118 0.89 -13.39 -1.31
N PHE B 119 0.52 -14.64 -1.05
CA PHE B 119 0.57 -15.23 0.28
C PHE B 119 -0.49 -14.67 1.20
N ARG B 120 -1.40 -13.85 0.69
CA ARG B 120 -2.38 -13.21 1.56
C ARG B 120 -3.52 -14.17 1.87
N HIS B 121 -4.09 -13.97 3.06
CA HIS B 121 -5.14 -14.81 3.59
C HIS B 121 -6.50 -14.21 3.26
N SER B 122 -7.48 -15.07 3.03
CA SER B 122 -8.85 -14.59 2.91
C SER B 122 -9.79 -15.68 3.38
N VAL B 123 -11.01 -15.27 3.71
CA VAL B 123 -12.04 -16.19 4.16
C VAL B 123 -13.30 -15.92 3.32
N VAL B 124 -13.90 -16.98 2.81
CA VAL B 124 -14.98 -16.88 1.83
C VAL B 124 -16.18 -17.69 2.33
N VAL B 125 -17.37 -17.13 2.15
CA VAL B 125 -18.62 -17.88 2.35
C VAL B 125 -19.51 -17.68 1.14
N PRO B 126 -20.45 -18.58 0.90
CA PRO B 126 -21.43 -18.35 -0.16
C PRO B 126 -22.31 -17.17 0.19
N TYR B 127 -22.67 -16.40 -0.84
CA TYR B 127 -23.68 -15.37 -0.67
C TYR B 127 -25.05 -16.03 -0.61
N GLU B 128 -25.84 -15.65 0.39
CA GLU B 128 -27.20 -16.08 0.48
CA GLU B 128 -27.21 -16.08 0.47
C GLU B 128 -28.13 -14.87 0.50
N PRO B 129 -29.23 -14.90 -0.26
CA PRO B 129 -30.13 -13.77 -0.28
C PRO B 129 -30.84 -13.62 1.05
N PRO B 130 -31.35 -12.43 1.37
CA PRO B 130 -32.10 -12.27 2.62
C PRO B 130 -33.35 -13.12 2.61
N GLU B 131 -33.81 -13.49 3.81
N GLU B 131 -33.81 -13.50 3.80
CA GLU B 131 -35.13 -14.11 3.93
CA GLU B 131 -35.13 -14.10 3.92
C GLU B 131 -36.20 -13.11 3.51
C GLU B 131 -36.17 -13.11 3.40
N VAL B 132 -37.33 -13.64 3.04
CA VAL B 132 -38.43 -12.78 2.60
C VAL B 132 -38.78 -11.81 3.71
N GLY B 133 -38.92 -10.53 3.36
CA GLY B 133 -39.21 -9.50 4.32
C GLY B 133 -37.99 -8.85 4.94
N SER B 134 -36.83 -9.46 4.80
CA SER B 134 -35.59 -8.90 5.31
C SER B 134 -34.85 -8.19 4.18
N ASP B 135 -34.09 -7.16 4.53
CA ASP B 135 -33.40 -6.34 3.54
C ASP B 135 -31.93 -6.68 3.39
N CYS B 136 -31.37 -7.55 4.22
CA CYS B 136 -29.93 -7.79 4.16
C CYS B 136 -29.62 -9.17 4.71
N THR B 137 -28.40 -9.62 4.42
N THR B 137 -28.39 -9.60 4.46
CA THR B 137 -27.81 -10.81 5.02
CA THR B 137 -27.86 -10.83 5.05
C THR B 137 -26.72 -10.37 5.97
C THR B 137 -26.63 -10.50 5.88
N THR B 138 -26.51 -11.14 7.03
CA THR B 138 -25.50 -10.80 8.03
C THR B 138 -24.48 -11.93 8.13
N ILE B 139 -23.20 -11.55 8.13
CA ILE B 139 -22.10 -12.46 8.37
C ILE B 139 -21.47 -12.07 9.71
N HIS B 140 -21.09 -13.08 10.50
CA HIS B 140 -20.39 -12.86 11.76
C HIS B 140 -18.91 -13.10 11.55
N TYR B 141 -18.11 -12.03 11.58
CA TYR B 141 -16.67 -12.14 11.50
C TYR B 141 -16.06 -12.07 12.89
N ASN B 142 -14.85 -12.62 13.01
CA ASN B 142 -14.06 -12.54 14.24
C ASN B 142 -12.64 -12.17 13.85
N TYR B 143 -12.04 -11.25 14.62
CA TYR B 143 -10.65 -10.84 14.42
C TYR B 143 -9.82 -11.42 15.57
N MET B 144 -8.77 -12.17 15.22
CA MET B 144 -8.13 -13.08 16.17
C MET B 144 -6.82 -12.54 16.76
N CYS B 145 -6.51 -11.26 16.54
CA CYS B 145 -5.42 -10.55 17.22
C CYS B 145 -5.88 -9.14 17.51
N ASN B 146 -5.28 -8.53 18.54
CA ASN B 146 -5.45 -7.09 18.73
C ASN B 146 -4.59 -6.32 17.74
N SER B 147 -5.05 -5.12 17.37
CA SER B 147 -4.22 -4.26 16.53
C SER B 147 -2.83 -4.06 17.12
N SER B 148 -2.72 -4.05 18.44
CA SER B 148 -1.45 -3.78 19.11
C SER B 148 -0.50 -4.98 19.18
N CYS B 149 -0.92 -6.17 18.74
CA CYS B 149 -0.14 -7.39 18.99
C CYS B 149 1.28 -7.24 18.44
N MET B 150 2.26 -7.41 19.32
N MET B 150 2.27 -7.43 19.32
CA MET B 150 3.66 -7.41 18.92
CA MET B 150 3.67 -7.36 18.90
C MET B 150 3.94 -8.58 17.97
C MET B 150 4.02 -8.56 18.03
N GLY B 151 4.65 -8.30 16.89
CA GLY B 151 4.95 -9.33 15.91
C GLY B 151 3.81 -9.63 14.97
N GLY B 152 2.67 -8.96 15.13
CA GLY B 152 1.58 -9.03 14.20
C GLY B 152 1.28 -7.63 13.71
N MET B 153 0.04 -7.17 13.92
CA MET B 153 -0.34 -5.86 13.41
C MET B 153 0.48 -4.75 14.05
N ASN B 154 0.95 -4.95 15.29
CA ASN B 154 1.95 -4.06 15.88
CA ASN B 154 1.94 -4.05 15.88
C ASN B 154 1.51 -2.59 15.86
N ARG B 155 0.24 -2.36 16.21
CA ARG B 155 -0.36 -1.03 16.37
CA ARG B 155 -0.40 -1.05 16.37
C ARG B 155 -0.74 -0.38 15.04
N ARG B 156 -0.56 -1.05 13.91
CA ARG B 156 -0.85 -0.50 12.59
C ARG B 156 -2.31 -0.71 12.22
N PRO B 157 -3.00 0.32 11.71
CA PRO B 157 -4.38 0.13 11.26
C PRO B 157 -4.48 -0.76 10.03
N ILE B 158 -5.56 -1.54 9.98
CA ILE B 158 -5.88 -2.38 8.83
C ILE B 158 -7.19 -1.93 8.22
N LEU B 159 -7.39 -2.30 6.96
CA LEU B 159 -8.68 -2.28 6.31
C LEU B 159 -9.14 -3.73 6.11
N THR B 160 -10.42 -3.98 6.31
CA THR B 160 -11.03 -5.20 5.81
C THR B 160 -11.70 -4.87 4.49
N ILE B 161 -11.43 -5.69 3.48
CA ILE B 161 -12.00 -5.55 2.15
C ILE B 161 -12.97 -6.70 1.95
N ILE B 162 -14.24 -6.36 1.71
CA ILE B 162 -15.29 -7.34 1.45
C ILE B 162 -15.62 -7.26 -0.03
N THR B 163 -15.50 -8.38 -0.73
CA THR B 163 -15.82 -8.43 -2.14
C THR B 163 -16.92 -9.43 -2.41
N LEU B 164 -17.83 -9.03 -3.27
CA LEU B 164 -18.86 -9.92 -3.81
CA LEU B 164 -18.85 -9.91 -3.82
C LEU B 164 -18.35 -10.39 -5.17
N GLU B 165 -18.20 -11.70 -5.33
CA GLU B 165 -17.61 -12.26 -6.53
C GLU B 165 -18.53 -13.33 -7.10
N ASP B 166 -18.69 -13.35 -8.42
CA ASP B 166 -19.44 -14.45 -9.00
C ASP B 166 -18.57 -15.71 -9.02
N SER B 167 -19.20 -16.83 -9.35
CA SER B 167 -18.46 -18.10 -9.31
C SER B 167 -17.30 -18.10 -10.30
N SER B 168 -17.41 -17.35 -11.40
CA SER B 168 -16.33 -17.28 -12.38
C SER B 168 -15.16 -16.45 -11.92
N GLY B 169 -15.32 -15.66 -10.86
CA GLY B 169 -14.25 -14.79 -10.39
C GLY B 169 -14.45 -13.32 -10.70
N ASN B 170 -15.50 -12.94 -11.41
CA ASN B 170 -15.74 -11.53 -11.67
C ASN B 170 -16.03 -10.81 -10.38
N LEU B 171 -15.46 -9.62 -10.24
CA LEU B 171 -15.80 -8.73 -9.13
C LEU B 171 -17.15 -8.12 -9.40
N LEU B 172 -18.11 -8.39 -8.52
CA LEU B 172 -19.43 -7.77 -8.63
C LEU B 172 -19.55 -6.53 -7.78
N GLY B 173 -18.83 -6.46 -6.67
CA GLY B 173 -18.86 -5.31 -5.81
C GLY B 173 -17.76 -5.41 -4.78
N ARG B 174 -17.36 -4.25 -4.26
CA ARG B 174 -16.31 -4.21 -3.25
CA ARG B 174 -16.29 -4.20 -3.26
C ARG B 174 -16.58 -3.06 -2.30
N ASN B 175 -16.44 -3.34 -1.00
CA ASN B 175 -16.49 -2.31 0.02
C ASN B 175 -15.40 -2.61 1.05
N SER B 176 -15.08 -1.61 1.84
CA SER B 176 -14.03 -1.78 2.83
C SER B 176 -14.32 -0.90 4.02
N PHE B 177 -13.71 -1.26 5.15
CA PHE B 177 -13.80 -0.47 6.37
C PHE B 177 -12.51 -0.66 7.17
N GLU B 178 -12.15 0.37 7.94
CA GLU B 178 -10.99 0.27 8.82
C GLU B 178 -11.38 -0.54 10.07
N VAL B 179 -10.39 -1.17 10.68
CA VAL B 179 -10.62 -1.96 11.90
C VAL B 179 -9.56 -1.61 12.93
N ARG B 180 -10.01 -1.46 14.17
CA ARG B 180 -9.13 -1.52 15.33
C ARG B 180 -9.67 -2.60 16.25
N VAL B 181 -8.83 -3.58 16.56
CA VAL B 181 -9.15 -4.61 17.55
C VAL B 181 -8.42 -4.18 18.82
N CYS B 182 -9.16 -4.04 19.92
CA CYS B 182 -8.61 -3.42 21.12
CA CYS B 182 -8.57 -3.48 21.12
C CYS B 182 -9.42 -3.88 22.33
N ALA B 183 -8.88 -3.58 23.52
CA ALA B 183 -9.54 -4.00 24.76
C ALA B 183 -10.79 -3.19 25.04
N CYS B 184 -10.82 -1.92 24.62
CA CYS B 184 -11.88 -0.98 25.02
C CYS B 184 -12.40 -0.26 23.78
N PRO B 185 -13.22 -0.93 22.97
CA PRO B 185 -13.69 -0.30 21.72
C PRO B 185 -14.46 0.99 21.91
N GLY B 186 -15.25 1.10 22.98
CA GLY B 186 -16.02 2.33 23.18
C GLY B 186 -15.13 3.49 23.53
N ARG B 187 -14.18 3.29 24.44
CA ARG B 187 -13.19 4.32 24.73
C ARG B 187 -12.47 4.75 23.46
N ASP B 188 -12.00 3.78 22.70
CA ASP B 188 -11.10 4.12 21.61
C ASP B 188 -11.86 4.75 20.45
N ARG B 189 -13.10 4.32 20.20
CA ARG B 189 -13.92 5.00 19.20
C ARG B 189 -14.12 6.46 19.58
N ARG B 190 -14.47 6.71 20.85
CA ARG B 190 -14.71 8.08 21.27
C ARG B 190 -13.44 8.92 21.19
N THR B 191 -12.29 8.35 21.56
CA THR B 191 -11.04 9.09 21.45
C THR B 191 -10.76 9.45 19.99
N GLU B 192 -10.89 8.48 19.09
CA GLU B 192 -10.55 8.74 17.69
C GLU B 192 -11.51 9.74 17.07
N GLU B 193 -12.81 9.67 17.42
CA GLU B 193 -13.76 10.64 16.90
C GLU B 193 -13.49 12.03 17.44
N GLU B 194 -13.11 12.14 18.72
CA GLU B 194 -12.78 13.44 19.28
CA GLU B 194 -12.79 13.45 19.27
C GLU B 194 -11.54 14.03 18.63
N ASN B 195 -10.53 13.19 18.37
CA ASN B 195 -9.31 13.67 17.72
C ASN B 195 -9.60 14.13 16.31
N LEU B 196 -10.48 13.42 15.60
CA LEU B 196 -10.89 13.87 14.28
C LEU B 196 -11.48 15.26 14.35
N ARG B 197 -12.42 15.49 15.27
CA ARG B 197 -13.08 16.78 15.38
CA ARG B 197 -13.08 16.78 15.36
C ARG B 197 -12.09 17.88 15.75
N LYS B 198 -11.17 17.59 16.65
CA LYS B 198 -10.28 18.62 17.19
C LYS B 198 -9.04 18.85 16.36
N LYS B 199 -8.51 17.82 15.69
CA LYS B 199 -7.21 17.92 15.04
C LYS B 199 -7.19 17.41 13.61
N GLY B 200 -8.30 16.91 13.09
CA GLY B 200 -8.31 16.31 11.76
C GLY B 200 -8.31 17.30 10.61
P IGU C 6 24.05 24.28 5.67
OP1 IGU C 6 23.98 24.21 4.22
OP2 IGU C 6 22.87 24.47 6.52
O5' IGU C 6 24.78 22.92 6.15
C5' IGU C 6 24.02 21.76 6.38
C4' IGU C 6 24.95 20.61 6.06
O4' IGU C 6 26.05 20.56 7.02
C3' IGU C 6 24.21 19.30 6.23
O3' IGU C 6 24.84 18.41 5.33
C2' IGU C 6 24.45 18.94 7.67
C1' IGU C 6 25.87 19.42 7.89
N9 IGU C 6 26.24 19.91 9.18
C8 IGU C 6 27.35 19.50 9.88
N7 IGU C 6 27.50 20.15 11.00
C6 IGU C 6 26.08 21.99 12.03
N6 IGU C 6 26.87 22.11 13.11
C5 IGU C 6 26.46 21.02 11.03
N1 IGU C 6 25.01 22.70 11.79
C2 IGU C 6 24.23 22.54 10.66
O2 IGU C 6 23.22 23.25 10.49
N3 IGU C 6 24.56 21.61 9.67
C4 IGU C 6 25.69 20.89 9.94
H5' IGU C 6 23.25 21.75 5.79
H5'' IGU C 6 23.74 21.73 7.32
H4' IGU C 6 25.33 20.72 5.18
H3' IGU C 6 23.27 19.35 5.99
H2' IGU C 6 24.39 17.98 7.79
H2'' IGU C 6 23.83 19.36 8.29
H1' IGU C 6 26.52 18.75 7.65
H8 IGU C 6 27.93 18.84 9.55
HN61 IGU C 6 26.77 22.79 13.62
HN62 IGU C 6 27.47 21.50 13.26
HN1 IGU C 6 24.76 23.28 12.37
P IGU C 16 -2.27 9.44 21.84
OP1 IGU C 16 -2.34 9.40 20.37
OP2 IGU C 16 -3.50 9.61 22.61
O5' IGU C 16 -1.53 8.06 22.24
C5' IGU C 16 -2.30 6.93 22.51
C4' IGU C 16 -1.38 5.77 22.20
O4' IGU C 16 -0.28 5.71 23.13
C3' IGU C 16 -2.12 4.47 22.35
O3' IGU C 16 -1.47 3.57 21.47
C2' IGU C 16 -1.89 4.09 23.81
C1' IGU C 16 -0.47 4.57 23.98
N9 IGU C 16 -0.06 5.04 25.30
C8 IGU C 16 1.06 4.65 25.97
N7 IGU C 16 1.21 5.30 27.11
C6 IGU C 16 -0.23 7.15 28.13
N6 IGU C 16 0.58 7.27 29.23
C5 IGU C 16 0.16 6.17 27.18
N1 IGU C 16 -1.30 7.85 27.92
C2 IGU C 16 -2.10 7.70 26.78
O2 IGU C 16 -3.11 8.38 26.64
N3 IGU C 16 -1.75 6.74 25.82
C4 IGU C 16 -0.63 6.03 26.04
H5' IGU C 16 -3.09 6.91 21.93
H5'' IGU C 16 -2.56 6.91 23.44
H4' IGU C 16 -1.01 5.88 21.30
H3' IGU C 16 -3.06 4.51 22.09
H2' IGU C 16 -2.49 4.59 24.38
H2'' IGU C 16 -1.99 3.14 24.00
H1' IGU C 16 0.17 3.88 23.73
H8 IGU C 16 1.63 3.99 25.64
HN61 IGU C 16 1.17 6.66 29.38
HN62 IGU C 16 0.47 7.95 29.74
HN1 IGU C 16 -1.53 8.43 28.51
ZN ZN D . 24.39 3.33 2.35
C1 EDO E . 21.19 16.31 -1.04
O1 EDO E . 20.15 17.15 -0.49
C2 EDO E . 20.55 15.05 -1.63
O2 EDO E . 19.49 15.41 -2.53
C1 EDO F . -0.55 14.40 -11.42
O1 EDO F . 0.30 15.47 -10.99
C2 EDO F . -1.72 15.01 -12.18
O2 EDO F . -1.20 15.82 -13.25
C1 EDO G . 5.42 10.68 -2.07
O1 EDO G . 4.20 10.53 -2.79
C2 EDO G . 5.35 11.95 -1.24
O2 EDO G . 4.58 11.70 -0.06
C FOR H . 13.95 19.07 -11.05
O FOR H . 14.73 18.61 -10.21
ZN ZN I . -1.92 -11.55 18.46
C1 EDO J . -5.15 1.44 15.08
O1 EDO J . -6.17 2.28 15.64
C2 EDO J . -5.77 0.19 14.49
O2 EDO J . -6.82 0.57 13.58
C1 EDO K . -20.99 -2.87 14.91
O1 EDO K . -21.74 -3.14 16.09
C2 EDO K . -20.92 -4.14 14.06
O2 EDO K . -22.13 -4.31 13.33
C1 EDO L . -26.88 -0.42 4.73
O1 EDO L . -26.00 0.63 5.14
C2 EDO L . -28.04 0.19 3.96
O2 EDO L . -27.51 0.98 2.89
C FOR M . -12.33 4.26 5.08
O FOR M . -11.60 3.73 5.92
#